data_4U2S
#
_entry.id   4U2S
#
_cell.length_a   51.349
_cell.length_b   73.532
_cell.length_c   63.344
_cell.angle_alpha   90.000
_cell.angle_beta   105.170
_cell.angle_gamma   90.000
#
_symmetry.space_group_name_H-M   'P 1 21 1'
#
loop_
_entity.id
_entity.type
_entity.pdbx_description
1 polymer 'Cholesterol oxidase'
2 non-polymer 'SULFATE ION'
3 non-polymer 'DIHYDROFLAVINE-ADENINE DINUCLEOTIDE'
4 water water
#
_entity_poly.entity_id   1
_entity_poly.type   'polypeptide(L)'
_entity_poly.pdbx_seq_one_letter_code
;DNGGYVPAVVIGTGYGAAVSALRLGEAGVQTLMLEMGQLWNQPGPDGNIFCGMLNPDKRSSWFKNRTEAPLGSFLWLDVV
NRNIDPYAGVLDRVNYDQMSVYVGRGVGGGSLVNGGMAVEPKRSYFEEILPRVDSSEMYDRYFPRANSMLRVNHIDTKWF
EDTEWYKFARVSREQAGKAGLGTVFVPNVYDFGYMQREAAGEVPKSALATEVIYGNNHGKQSLDKTYLAAALGTGKVTIQ
TLHQVKTIRQTKDGGYALTVEQKDTDGKLLATKEISCRYLFLGAGSLGSTELLVRARDTGTLPNLNSEVGAGWGPNGNIM
TARANHMWNPTGAHQSSIPALGIDAWDNSDSSVFAEIAPMPAGLETWVSLYLAITKNPQRGTFVYDAATDRAKLNWTRDQ
NAPAVNAAKALFDRINKANGTIYRYDLFGTQLKAFADDFCYHPLGGCVLGKATDDYGRVAGYKNLYVTDGSLIPGSVGVN
PFVTITALAERNVERIIKQDVTASHHHHHH
;
_entity_poly.pdbx_strand_id   A
#
loop_
_chem_comp.id
_chem_comp.type
_chem_comp.name
_chem_comp.formula
FDA non-polymer 'DIHYDROFLAVINE-ADENINE DINUCLEOTIDE' 'C27 H35 N9 O15 P2'
SO4 non-polymer 'SULFATE ION' 'O4 S -2'
#
# COMPACT_ATOMS: atom_id res chain seq x y z
N GLY A 4 26.64 -13.72 -6.61
CA GLY A 4 27.67 -12.76 -6.94
C GLY A 4 27.54 -11.40 -6.26
N TYR A 5 28.45 -10.48 -6.62
CA TYR A 5 28.54 -9.15 -6.03
C TYR A 5 27.97 -8.07 -6.96
N VAL A 6 27.29 -7.10 -6.37
N VAL A 6 27.18 -7.16 -6.38
CA VAL A 6 26.83 -5.93 -7.09
CA VAL A 6 26.68 -5.96 -7.05
C VAL A 6 26.89 -4.76 -6.12
C VAL A 6 26.91 -4.78 -6.10
N PRO A 7 27.29 -3.58 -6.60
CA PRO A 7 27.52 -2.49 -5.65
C PRO A 7 26.34 -2.20 -4.72
N ALA A 8 25.15 -2.02 -5.27
CA ALA A 8 23.96 -1.82 -4.45
C ALA A 8 22.92 -2.88 -4.74
N VAL A 9 22.26 -3.36 -3.68
CA VAL A 9 21.08 -4.19 -3.81
C VAL A 9 19.91 -3.46 -3.16
N VAL A 10 18.76 -3.51 -3.84
CA VAL A 10 17.50 -3.05 -3.31
C VAL A 10 16.57 -4.25 -3.20
N ILE A 11 16.04 -4.49 -2.01
CA ILE A 11 15.09 -5.59 -1.79
C ILE A 11 13.68 -5.06 -1.99
N GLY A 12 12.93 -5.65 -2.91
CA GLY A 12 11.61 -5.21 -3.27
C GLY A 12 11.60 -4.19 -4.38
N THR A 13 10.38 -3.89 -4.88
CA THR A 13 10.18 -2.97 -5.99
C THR A 13 8.93 -2.12 -5.82
N GLY A 14 8.55 -1.84 -4.56
CA GLY A 14 7.50 -0.88 -4.26
C GLY A 14 8.02 0.54 -4.27
N TYR A 15 7.30 1.43 -3.59
CA TYR A 15 7.60 2.86 -3.65
C TYR A 15 8.98 3.21 -3.13
N GLY A 16 9.32 2.79 -1.91
CA GLY A 16 10.62 3.11 -1.37
C GLY A 16 11.75 2.59 -2.24
N ALA A 17 11.59 1.34 -2.67
CA ALA A 17 12.60 0.68 -3.49
C ALA A 17 12.77 1.39 -4.84
N ALA A 18 11.65 1.73 -5.49
CA ALA A 18 11.70 2.27 -6.84
C ALA A 18 12.37 3.64 -6.85
N VAL A 19 12.02 4.48 -5.89
CA VAL A 19 12.68 5.79 -5.77
C VAL A 19 14.20 5.58 -5.59
N SER A 20 14.54 4.70 -4.66
CA SER A 20 15.95 4.50 -4.31
C SER A 20 16.73 4.03 -5.54
N ALA A 21 16.20 3.04 -6.25
CA ALA A 21 16.91 2.50 -7.40
C ALA A 21 17.08 3.53 -8.52
N LEU A 22 16.06 4.35 -8.78
CA LEU A 22 16.19 5.36 -9.80
C LEU A 22 17.35 6.30 -9.47
N ARG A 23 17.39 6.81 -8.24
CA ARG A 23 18.39 7.79 -7.90
C ARG A 23 19.79 7.17 -7.83
N LEU A 24 19.89 5.91 -7.36
CA LEU A 24 21.16 5.21 -7.42
C LEU A 24 21.65 5.09 -8.85
N GLY A 25 20.77 4.66 -9.75
CA GLY A 25 21.18 4.50 -11.14
C GLY A 25 21.59 5.81 -11.78
N GLU A 26 20.87 6.89 -11.48
CA GLU A 26 21.23 8.20 -12.00
C GLU A 26 22.59 8.67 -11.47
N ALA A 27 22.98 8.22 -10.28
CA ALA A 27 24.27 8.53 -9.68
C ALA A 27 25.37 7.61 -10.19
N GLY A 28 25.04 6.67 -11.06
CA GLY A 28 26.04 5.79 -11.64
C GLY A 28 26.33 4.53 -10.82
N VAL A 29 25.49 4.21 -9.84
CA VAL A 29 25.72 3.07 -8.98
C VAL A 29 24.98 1.85 -9.56
N GLN A 30 25.71 0.83 -9.96
CA GLN A 30 25.10 -0.38 -10.47
C GLN A 30 24.28 -1.06 -9.36
N THR A 31 23.01 -1.31 -9.66
CA THR A 31 22.02 -1.69 -8.66
C THR A 31 21.21 -2.87 -9.15
N LEU A 32 21.04 -3.85 -8.27
CA LEU A 32 20.20 -5.01 -8.52
C LEU A 32 19.00 -4.95 -7.57
N MET A 33 17.79 -5.00 -8.15
CA MET A 33 16.58 -5.11 -7.36
C MET A 33 16.12 -6.57 -7.34
N LEU A 34 15.77 -7.07 -6.16
CA LEU A 34 15.29 -8.43 -5.98
C LEU A 34 13.83 -8.38 -5.58
N GLU A 35 12.96 -8.95 -6.42
CA GLU A 35 11.51 -8.93 -6.20
C GLU A 35 10.99 -10.34 -6.09
N MET A 36 10.27 -10.64 -5.01
CA MET A 36 9.77 -11.99 -4.84
C MET A 36 8.60 -12.35 -5.76
N GLY A 37 7.84 -11.37 -6.21
CA GLY A 37 6.74 -11.60 -7.14
C GLY A 37 7.16 -11.50 -8.58
N GLN A 38 6.16 -11.53 -9.46
CA GLN A 38 6.36 -11.52 -10.90
C GLN A 38 6.48 -10.13 -11.50
N LEU A 39 7.11 -10.08 -12.69
CA LEU A 39 6.94 -8.97 -13.63
C LEU A 39 5.61 -9.20 -14.35
N TRP A 40 4.65 -8.29 -14.18
CA TRP A 40 3.30 -8.48 -14.69
C TRP A 40 3.19 -7.94 -16.09
N ASN A 41 3.55 -8.77 -17.06
CA ASN A 41 3.53 -8.35 -18.46
C ASN A 41 3.15 -9.47 -19.44
N GLN A 42 2.61 -10.59 -18.96
CA GLN A 42 2.23 -11.69 -19.85
C GLN A 42 0.73 -11.84 -19.90
N PRO A 43 0.16 -11.74 -21.10
N PRO A 43 0.17 -11.87 -21.12
CA PRO A 43 -1.28 -11.98 -21.22
CA PRO A 43 -1.26 -12.10 -21.22
C PRO A 43 -1.66 -13.38 -20.70
C PRO A 43 -1.62 -13.43 -20.62
N GLY A 44 -2.73 -13.43 -19.88
CA GLY A 44 -3.23 -14.66 -19.31
C GLY A 44 -4.32 -15.30 -20.18
N PRO A 45 -5.11 -16.20 -19.58
CA PRO A 45 -6.03 -17.05 -20.37
C PRO A 45 -7.16 -16.27 -21.02
N ASP A 46 -7.45 -15.06 -20.54
CA ASP A 46 -8.45 -14.18 -21.10
C ASP A 46 -7.84 -13.12 -22.01
N GLY A 47 -6.54 -13.21 -22.28
CA GLY A 47 -5.84 -12.22 -23.05
C GLY A 47 -5.41 -10.98 -22.28
N ASN A 48 -5.75 -10.89 -21.00
CA ASN A 48 -5.37 -9.74 -20.18
C ASN A 48 -4.27 -10.14 -19.22
N ILE A 49 -3.48 -9.18 -18.77
CA ILE A 49 -2.47 -9.45 -17.76
C ILE A 49 -3.09 -9.78 -16.40
N PHE A 50 -4.06 -8.97 -15.99
CA PHE A 50 -4.66 -9.06 -14.66
C PHE A 50 -6.11 -9.53 -14.75
N CYS A 51 -6.55 -10.26 -13.73
N CYS A 51 -6.59 -10.27 -13.77
CA CYS A 51 -7.97 -10.55 -13.62
CA CYS A 51 -8.02 -10.53 -13.77
C CYS A 51 -8.72 -9.33 -13.02
C CYS A 51 -8.77 -9.47 -12.96
N GLY A 52 -10.00 -9.23 -13.37
CA GLY A 52 -10.86 -8.25 -12.76
C GLY A 52 -11.55 -8.77 -11.51
N MET A 53 -12.30 -7.88 -10.87
CA MET A 53 -12.95 -8.23 -9.62
C MET A 53 -14.15 -9.16 -9.79
N LEU A 54 -14.76 -9.18 -10.99
CA LEU A 54 -15.87 -10.07 -11.26
C LEU A 54 -15.42 -11.39 -11.90
N ASN A 55 -14.13 -11.54 -12.21
CA ASN A 55 -13.61 -12.77 -12.78
C ASN A 55 -12.29 -13.17 -12.13
N PRO A 56 -12.26 -13.23 -10.79
CA PRO A 56 -10.97 -13.56 -10.16
C PRO A 56 -10.54 -14.98 -10.52
N ASP A 57 -9.23 -15.17 -10.68
CA ASP A 57 -8.66 -16.48 -10.88
C ASP A 57 -7.35 -16.57 -10.13
N LYS A 58 -6.46 -17.50 -10.46
CA LYS A 58 -5.24 -17.64 -9.65
C LYS A 58 -4.37 -16.40 -9.66
N ARG A 59 -4.49 -15.57 -10.69
CA ARG A 59 -3.71 -14.31 -10.78
C ARG A 59 -4.09 -13.33 -9.69
N SER A 60 -5.25 -13.52 -9.05
CA SER A 60 -5.73 -12.60 -8.03
C SER A 60 -4.96 -12.72 -6.73
N SER A 61 -4.32 -13.87 -6.48
CA SER A 61 -3.96 -14.22 -5.10
C SER A 61 -2.57 -14.81 -5.00
N TRP A 62 -1.83 -14.37 -3.99
CA TRP A 62 -0.52 -14.93 -3.66
C TRP A 62 -0.71 -16.21 -2.84
N PHE A 63 -0.55 -17.35 -3.50
CA PHE A 63 -0.54 -18.65 -2.84
C PHE A 63 -1.72 -18.91 -1.92
N LYS A 64 -2.92 -18.77 -2.47
N LYS A 64 -2.91 -18.78 -2.48
CA LYS A 64 -4.15 -19.16 -1.80
CA LYS A 64 -4.16 -19.13 -1.80
C LYS A 64 -4.77 -20.27 -2.61
C LYS A 64 -4.88 -20.17 -2.64
N ASN A 65 -5.73 -20.98 -1.99
CA ASN A 65 -6.46 -22.02 -2.68
C ASN A 65 -7.90 -21.65 -3.07
N ARG A 66 -8.30 -20.42 -2.79
CA ARG A 66 -9.63 -19.93 -3.13
C ARG A 66 -9.54 -18.43 -3.25
N THR A 67 -10.27 -17.87 -4.20
CA THR A 67 -10.37 -16.43 -4.34
C THR A 67 -11.19 -15.85 -3.19
N GLU A 68 -11.11 -14.53 -3.02
N GLU A 68 -11.10 -14.54 -2.99
CA GLU A 68 -11.80 -13.80 -1.96
CA GLU A 68 -11.88 -13.85 -1.97
C GLU A 68 -12.54 -12.64 -2.62
C GLU A 68 -12.44 -12.52 -2.44
N ALA A 69 -13.68 -12.27 -2.08
CA ALA A 69 -14.35 -11.05 -2.48
C ALA A 69 -13.65 -9.84 -1.86
N PRO A 70 -13.58 -8.72 -2.59
CA PRO A 70 -13.08 -7.48 -2.00
C PRO A 70 -13.90 -7.10 -0.78
N LEU A 71 -13.22 -6.62 0.26
CA LEU A 71 -13.87 -6.31 1.51
C LEU A 71 -14.99 -5.30 1.28
N GLY A 72 -16.18 -5.66 1.79
CA GLY A 72 -17.39 -4.90 1.60
C GLY A 72 -18.35 -5.50 0.59
N SER A 73 -17.81 -6.35 -0.28
N SER A 73 -17.88 -6.39 -0.27
CA SER A 73 -18.53 -6.81 -1.47
CA SER A 73 -18.74 -6.88 -1.36
C SER A 73 -18.95 -8.28 -1.43
C SER A 73 -18.97 -8.34 -1.43
N PHE A 74 -18.65 -9.03 -0.36
CA PHE A 74 -18.96 -10.45 -0.28
C PHE A 74 -20.40 -10.78 -0.63
N LEU A 75 -21.37 -9.99 -0.17
CA LEU A 75 -22.77 -10.35 -0.42
C LEU A 75 -23.07 -10.48 -1.90
N TRP A 76 -22.39 -9.73 -2.76
CA TRP A 76 -22.62 -9.74 -4.21
C TRP A 76 -21.56 -10.48 -5.00
N LEU A 77 -20.32 -10.49 -4.52
CA LEU A 77 -19.21 -11.05 -5.27
C LEU A 77 -18.80 -12.46 -4.80
N ASP A 78 -19.39 -12.99 -3.73
CA ASP A 78 -19.07 -14.37 -3.40
C ASP A 78 -19.48 -15.31 -4.54
N VAL A 79 -20.52 -14.95 -5.30
CA VAL A 79 -20.97 -15.81 -6.38
C VAL A 79 -19.90 -16.06 -7.44
N VAL A 80 -18.91 -15.18 -7.56
CA VAL A 80 -17.85 -15.37 -8.53
C VAL A 80 -16.61 -16.02 -7.94
N ASN A 81 -16.60 -16.28 -6.63
CA ASN A 81 -15.43 -16.94 -6.03
C ASN A 81 -15.28 -18.37 -6.53
N ARG A 82 -14.03 -18.79 -6.65
N ARG A 82 -14.03 -18.79 -6.67
CA ARG A 82 -13.72 -20.13 -7.10
CA ARG A 82 -13.71 -20.13 -7.16
C ARG A 82 -12.47 -20.65 -6.42
C ARG A 82 -12.43 -20.66 -6.52
N ASN A 83 -12.36 -21.97 -6.40
CA ASN A 83 -11.10 -22.62 -6.01
C ASN A 83 -10.06 -22.36 -7.09
N ILE A 84 -8.82 -22.15 -6.65
CA ILE A 84 -7.70 -21.84 -7.53
C ILE A 84 -6.46 -22.59 -7.07
N ASP A 85 -5.53 -22.77 -8.00
CA ASP A 85 -4.22 -23.28 -7.67
C ASP A 85 -3.41 -22.22 -6.90
N PRO A 86 -2.66 -22.64 -5.88
CA PRO A 86 -1.73 -21.68 -5.27
C PRO A 86 -0.70 -21.26 -6.33
N TYR A 87 -0.53 -19.96 -6.50
CA TYR A 87 0.19 -19.37 -7.62
C TYR A 87 0.77 -18.05 -7.16
N ALA A 88 1.79 -17.56 -7.86
CA ALA A 88 2.40 -16.28 -7.57
C ALA A 88 1.52 -15.09 -8.07
N GLY A 89 0.29 -15.00 -7.57
CA GLY A 89 -0.63 -13.94 -7.95
C GLY A 89 -0.32 -12.61 -7.29
N VAL A 90 -1.13 -11.60 -7.56
CA VAL A 90 -0.70 -10.21 -7.36
C VAL A 90 -1.01 -9.63 -5.99
N LEU A 91 -2.04 -10.15 -5.34
CA LEU A 91 -2.52 -9.61 -4.06
C LEU A 91 -2.37 -10.65 -2.97
N ASP A 92 -1.65 -10.29 -1.91
N ASP A 92 -1.71 -10.29 -1.88
CA ASP A 92 -1.50 -11.15 -0.75
CA ASP A 92 -1.45 -11.20 -0.76
C ASP A 92 -2.38 -10.62 0.38
C ASP A 92 -2.12 -10.72 0.53
N ARG A 93 -3.01 -11.53 1.06
CA ARG A 93 -3.60 -11.30 2.37
C ARG A 93 -2.73 -12.03 3.38
N VAL A 94 -2.04 -11.26 4.21
CA VAL A 94 -1.12 -11.79 5.21
C VAL A 94 -1.85 -11.81 6.55
N ASN A 95 -2.07 -13.01 7.07
CA ASN A 95 -2.88 -13.21 8.29
C ASN A 95 -2.02 -13.34 9.53
N TYR A 96 -2.21 -12.40 10.43
CA TYR A 96 -1.65 -12.45 11.78
C TYR A 96 -2.79 -12.82 12.72
N ASP A 97 -2.48 -12.94 14.01
N ASP A 97 -2.45 -12.94 13.99
CA ASP A 97 -3.47 -13.45 14.94
CA ASP A 97 -3.39 -13.38 15.00
C ASP A 97 -4.78 -12.67 14.96
C ASP A 97 -4.74 -12.67 14.89
N GLN A 98 -4.70 -11.34 14.91
CA GLN A 98 -5.91 -10.51 15.00
C GLN A 98 -5.90 -9.35 14.00
N MET A 99 -5.21 -9.57 12.88
CA MET A 99 -5.07 -8.54 11.84
C MET A 99 -4.70 -9.24 10.54
N SER A 100 -5.36 -8.83 9.46
CA SER A 100 -5.04 -9.29 8.12
C SER A 100 -4.60 -8.10 7.28
N VAL A 101 -3.38 -8.16 6.74
CA VAL A 101 -2.79 -7.06 6.02
C VAL A 101 -2.70 -7.44 4.54
N TYR A 102 -3.19 -6.57 3.67
N TYR A 102 -3.26 -6.58 3.69
CA TYR A 102 -3.16 -6.82 2.24
CA TYR A 102 -3.20 -6.72 2.23
C TYR A 102 -2.00 -6.06 1.63
C TYR A 102 -1.91 -6.08 1.72
N VAL A 103 -1.21 -6.77 0.82
CA VAL A 103 -0.04 -6.19 0.18
C VAL A 103 0.06 -6.69 -1.26
N GLY A 104 0.68 -5.89 -2.11
CA GLY A 104 0.98 -6.31 -3.47
C GLY A 104 2.23 -7.17 -3.55
N ARG A 105 2.25 -8.05 -4.55
CA ARG A 105 3.39 -8.93 -4.84
C ARG A 105 3.69 -8.87 -6.32
N GLY A 106 4.80 -8.23 -6.69
CA GLY A 106 5.16 -8.12 -8.09
C GLY A 106 6.06 -6.93 -8.30
N VAL A 107 6.52 -6.76 -9.54
CA VAL A 107 7.36 -5.62 -9.88
C VAL A 107 6.49 -4.38 -9.84
N GLY A 108 6.72 -3.53 -8.84
CA GLY A 108 5.85 -2.41 -8.53
C GLY A 108 5.15 -2.50 -7.20
N GLY A 109 5.21 -3.65 -6.54
CA GLY A 109 4.61 -3.77 -5.22
C GLY A 109 3.15 -3.36 -5.16
N GLY A 110 2.80 -2.62 -4.10
CA GLY A 110 1.42 -2.23 -3.91
C GLY A 110 0.89 -1.29 -4.98
N SER A 111 1.78 -0.65 -5.73
CA SER A 111 1.33 0.19 -6.84
C SER A 111 0.54 -0.60 -7.87
N LEU A 112 0.72 -1.92 -7.92
CA LEU A 112 -0.03 -2.74 -8.87
C LEU A 112 -1.50 -2.84 -8.48
N VAL A 113 -1.79 -2.91 -7.18
CA VAL A 113 -3.10 -3.28 -6.66
C VAL A 113 -3.85 -2.14 -5.97
N ASN A 114 -3.22 -0.99 -5.78
CA ASN A 114 -3.84 0.05 -5.00
C ASN A 114 -4.82 0.89 -5.79
N GLY A 115 -5.55 1.75 -5.08
CA GLY A 115 -6.56 2.59 -5.70
C GLY A 115 -6.04 3.87 -6.31
N GLY A 116 -4.72 4.05 -6.33
CA GLY A 116 -4.10 5.17 -6.98
C GLY A 116 -4.17 6.51 -6.27
N MET A 117 -4.81 6.58 -5.09
CA MET A 117 -5.06 7.86 -4.45
C MET A 117 -3.75 8.44 -3.96
N ALA A 118 -3.42 9.62 -4.46
CA ALA A 118 -2.10 10.22 -4.34
C ALA A 118 -2.26 11.54 -3.61
N VAL A 119 -2.03 11.52 -2.30
N VAL A 119 -2.13 11.54 -2.29
CA VAL A 119 -2.44 12.62 -1.43
CA VAL A 119 -2.46 12.73 -1.55
C VAL A 119 -1.35 12.92 -0.43
C VAL A 119 -1.56 12.97 -0.34
N GLU A 120 -1.07 14.21 -0.28
CA GLU A 120 -0.12 14.65 0.71
C GLU A 120 -0.78 14.73 2.06
N PRO A 121 -0.05 14.38 3.12
CA PRO A 121 -0.61 14.57 4.46
C PRO A 121 -0.67 16.06 4.77
N LYS A 122 -1.50 16.39 5.74
N LYS A 122 -1.52 16.38 5.74
CA LYS A 122 -1.54 17.76 6.22
CA LYS A 122 -1.56 17.72 6.31
C LYS A 122 -0.21 18.08 6.88
C LYS A 122 -0.19 18.07 6.88
N ARG A 123 0.36 19.23 6.55
CA ARG A 123 1.68 19.59 7.06
C ARG A 123 1.71 19.62 8.58
N SER A 124 0.66 20.14 9.21
CA SER A 124 0.61 20.17 10.66
C SER A 124 0.67 18.77 11.25
N TYR A 125 0.06 17.79 10.59
CA TYR A 125 0.11 16.42 11.08
C TYR A 125 1.50 15.80 10.83
N PHE A 126 2.06 16.04 9.64
CA PHE A 126 3.42 15.59 9.34
C PHE A 126 4.38 16.06 10.43
N GLU A 127 4.26 17.33 10.82
CA GLU A 127 5.15 17.91 11.82
C GLU A 127 4.94 17.26 13.19
N GLU A 128 3.72 16.86 13.50
CA GLU A 128 3.45 16.14 14.73
C GLU A 128 4.08 14.74 14.75
N ILE A 129 3.94 14.00 13.66
CA ILE A 129 4.38 12.60 13.64
C ILE A 129 5.90 12.45 13.45
N LEU A 130 6.53 13.41 12.78
CA LEU A 130 7.97 13.33 12.46
C LEU A 130 8.64 14.67 12.78
N PRO A 131 8.68 15.02 14.07
CA PRO A 131 9.21 16.34 14.45
C PRO A 131 10.71 16.53 14.17
N ARG A 132 11.47 15.46 13.96
CA ARG A 132 12.91 15.59 13.69
C ARG A 132 13.21 15.86 12.22
N VAL A 133 12.21 15.79 11.35
CA VAL A 133 12.36 15.98 9.91
C VAL A 133 12.06 17.42 9.52
N ASP A 134 12.90 18.01 8.67
N ASP A 134 12.88 18.00 8.65
CA ASP A 134 12.67 19.37 8.18
CA ASP A 134 12.64 19.36 8.20
C ASP A 134 11.44 19.40 7.27
C ASP A 134 11.46 19.42 7.26
N SER A 135 10.34 19.96 7.75
CA SER A 135 9.11 19.93 6.99
C SER A 135 9.13 20.87 5.80
N SER A 136 9.94 21.93 5.87
N SER A 136 9.90 21.95 5.87
CA SER A 136 9.99 22.89 4.77
CA SER A 136 9.95 22.86 4.74
C SER A 136 10.57 22.26 3.50
C SER A 136 10.51 22.18 3.51
N GLU A 137 11.60 21.42 3.64
CA GLU A 137 12.14 20.73 2.48
C GLU A 137 11.15 19.70 1.95
N MET A 138 10.45 19.02 2.84
CA MET A 138 9.45 18.07 2.38
C MET A 138 8.39 18.77 1.52
N TYR A 139 7.80 19.85 2.02
CA TYR A 139 6.70 20.45 1.31
C TYR A 139 7.15 21.31 0.12
N ASP A 140 8.35 21.90 0.19
CA ASP A 140 8.84 22.73 -0.90
C ASP A 140 9.52 21.96 -2.00
N ARG A 141 10.11 20.81 -1.68
CA ARG A 141 10.93 20.10 -2.64
C ARG A 141 10.49 18.65 -2.87
N TYR A 142 10.43 17.84 -1.81
CA TYR A 142 10.27 16.39 -2.01
C TYR A 142 8.84 15.98 -2.37
N PHE A 143 7.81 16.56 -1.74
CA PHE A 143 6.44 16.27 -2.14
C PHE A 143 6.18 16.66 -3.62
N PRO A 144 6.57 17.88 -4.03
CA PRO A 144 6.36 18.19 -5.46
C PRO A 144 7.10 17.23 -6.41
N ARG A 145 8.32 16.86 -6.04
N ARG A 145 8.32 16.84 -6.03
CA ARG A 145 9.08 15.94 -6.88
CA ARG A 145 9.14 15.92 -6.83
C ARG A 145 8.35 14.61 -7.01
C ARG A 145 8.44 14.57 -6.98
N ALA A 146 7.90 14.07 -5.88
CA ALA A 146 7.14 12.82 -5.89
C ALA A 146 5.88 12.93 -6.76
N ASN A 147 5.10 13.99 -6.60
N ASN A 147 5.14 14.03 -6.57
CA ASN A 147 3.87 14.06 -7.37
CA ASN A 147 3.90 14.32 -7.31
C ASN A 147 4.18 14.05 -8.87
C ASN A 147 4.11 14.21 -8.81
N SER A 148 5.21 14.80 -9.26
CA SER A 148 5.55 14.87 -10.69
C SER A 148 6.00 13.51 -11.23
N MET A 149 6.93 12.87 -10.51
N MET A 149 6.91 12.85 -10.51
CA MET A 149 7.49 11.59 -10.94
CA MET A 149 7.46 11.60 -11.03
C MET A 149 6.40 10.52 -11.00
C MET A 149 6.44 10.46 -10.97
N LEU A 150 5.50 10.51 -10.02
CA LEU A 150 4.44 9.52 -9.94
C LEU A 150 3.37 9.68 -11.02
N ARG A 151 3.36 10.82 -11.70
N ARG A 151 3.36 10.83 -11.69
CA ARG A 151 2.35 11.18 -12.72
CA ARG A 151 2.35 11.14 -12.70
C ARG A 151 0.98 11.40 -12.11
C ARG A 151 0.98 11.32 -12.07
N VAL A 152 0.96 12.00 -10.93
CA VAL A 152 -0.28 12.39 -10.30
C VAL A 152 -1.05 13.35 -11.24
N ASN A 153 -2.38 13.14 -11.32
CA ASN A 153 -3.24 14.00 -12.10
C ASN A 153 -4.57 14.18 -11.41
N HIS A 154 -5.40 15.05 -11.98
CA HIS A 154 -6.63 15.52 -11.35
C HIS A 154 -7.82 15.27 -12.23
N ILE A 155 -8.92 14.85 -11.62
CA ILE A 155 -10.14 14.57 -12.38
C ILE A 155 -10.71 15.89 -12.90
N ASP A 156 -11.32 15.83 -14.09
CA ASP A 156 -12.06 16.96 -14.60
C ASP A 156 -13.39 17.06 -13.86
N THR A 157 -13.63 18.18 -13.20
CA THR A 157 -14.75 18.28 -12.29
C THR A 157 -16.09 18.26 -13.03
N LYS A 158 -16.12 18.83 -14.23
CA LYS A 158 -17.35 18.80 -15.00
C LYS A 158 -17.71 17.37 -15.40
N TRP A 159 -16.72 16.62 -15.89
CA TRP A 159 -16.97 15.22 -16.20
C TRP A 159 -17.41 14.44 -14.97
N PHE A 160 -16.71 14.65 -13.86
CA PHE A 160 -17.07 14.03 -12.59
C PHE A 160 -18.55 14.29 -12.22
N GLU A 161 -18.99 15.54 -12.37
N GLU A 161 -18.98 15.53 -12.38
CA GLU A 161 -20.34 15.92 -11.96
CA GLU A 161 -20.33 15.89 -11.96
C GLU A 161 -21.40 15.26 -12.83
C GLU A 161 -21.38 15.19 -12.82
N ASP A 162 -21.07 15.00 -14.09
CA ASP A 162 -22.04 14.49 -15.05
C ASP A 162 -22.07 12.97 -15.22
N THR A 163 -20.97 12.28 -14.96
CA THR A 163 -20.86 10.88 -15.34
C THR A 163 -21.58 9.94 -14.38
N GLU A 164 -22.23 8.94 -14.95
CA GLU A 164 -22.85 7.90 -14.14
C GLU A 164 -21.85 7.16 -13.26
N TRP A 165 -20.58 7.13 -13.71
CA TRP A 165 -19.57 6.32 -13.04
C TRP A 165 -19.16 6.88 -11.66
N TYR A 166 -19.55 8.11 -11.36
CA TYR A 166 -19.24 8.74 -10.08
C TYR A 166 -20.50 9.15 -9.30
N LYS A 167 -21.67 8.65 -9.70
N LYS A 167 -21.67 8.66 -9.71
CA LYS A 167 -22.87 8.89 -8.91
CA LYS A 167 -22.87 8.87 -8.91
C LYS A 167 -22.68 8.45 -7.45
C LYS A 167 -22.61 8.50 -7.45
N PHE A 168 -21.94 7.35 -7.22
CA PHE A 168 -21.77 6.86 -5.86
C PHE A 168 -21.08 7.93 -5.00
N ALA A 169 -20.14 8.65 -5.60
CA ALA A 169 -19.38 9.67 -4.90
C ALA A 169 -20.23 10.89 -4.59
N ARG A 170 -21.03 11.30 -5.57
CA ARG A 170 -21.92 12.45 -5.42
C ARG A 170 -22.97 12.19 -4.34
N VAL A 171 -23.47 10.96 -4.24
CA VAL A 171 -24.45 10.65 -3.21
C VAL A 171 -23.84 10.84 -1.83
N SER A 172 -22.65 10.28 -1.60
CA SER A 172 -22.02 10.46 -0.29
C SER A 172 -21.65 11.90 0.00
N ARG A 173 -21.25 12.65 -1.02
CA ARG A 173 -21.00 14.08 -0.85
C ARG A 173 -22.24 14.81 -0.31
N GLU A 174 -23.38 14.54 -0.93
CA GLU A 174 -24.63 15.20 -0.52
C GLU A 174 -25.01 14.80 0.90
N GLN A 175 -24.88 13.52 1.21
CA GLN A 175 -25.25 13.04 2.52
C GLN A 175 -24.33 13.61 3.60
N ALA A 176 -23.03 13.61 3.34
CA ALA A 176 -22.10 14.23 4.29
C ALA A 176 -22.39 15.71 4.48
N GLY A 177 -22.73 16.40 3.40
CA GLY A 177 -23.00 17.82 3.46
C GLY A 177 -24.15 18.16 4.40
N LYS A 178 -25.16 17.29 4.46
CA LYS A 178 -26.29 17.54 5.34
C LYS A 178 -25.88 17.48 6.81
N ALA A 179 -24.76 16.83 7.09
CA ALA A 179 -24.19 16.77 8.44
C ALA A 179 -23.12 17.84 8.68
N GLY A 180 -22.96 18.75 7.72
CA GLY A 180 -21.98 19.81 7.83
C GLY A 180 -20.55 19.38 7.53
N LEU A 181 -20.38 18.26 6.82
CA LEU A 181 -19.07 17.73 6.51
C LEU A 181 -18.76 17.90 5.04
N GLY A 182 -17.54 18.31 4.75
CA GLY A 182 -17.11 18.56 3.40
C GLY A 182 -16.32 17.42 2.79
N THR A 183 -16.26 17.45 1.47
CA THR A 183 -15.46 16.52 0.70
C THR A 183 -14.35 17.22 -0.06
N VAL A 184 -13.35 16.43 -0.45
CA VAL A 184 -12.25 16.91 -1.27
C VAL A 184 -12.05 15.96 -2.44
N PHE A 185 -11.69 16.52 -3.59
CA PHE A 185 -11.18 15.72 -4.69
C PHE A 185 -9.80 15.20 -4.33
N VAL A 186 -9.53 13.94 -4.64
CA VAL A 186 -8.27 13.31 -4.32
C VAL A 186 -7.53 13.03 -5.64
N PRO A 187 -6.31 13.58 -5.79
CA PRO A 187 -5.52 13.30 -6.98
C PRO A 187 -5.20 11.82 -7.09
N ASN A 188 -4.81 11.37 -8.28
CA ASN A 188 -4.62 9.94 -8.51
C ASN A 188 -3.53 9.72 -9.55
N VAL A 189 -2.98 8.51 -9.55
CA VAL A 189 -2.07 8.08 -10.60
C VAL A 189 -2.78 7.36 -11.76
N TYR A 190 -4.06 7.06 -11.60
CA TYR A 190 -4.85 6.59 -12.76
C TYR A 190 -5.09 7.81 -13.66
N ASP A 191 -4.87 7.64 -14.95
N ASP A 191 -4.85 7.65 -14.95
CA ASP A 191 -5.01 8.71 -15.93
CA ASP A 191 -4.99 8.77 -15.88
C ASP A 191 -6.51 9.05 -16.10
C ASP A 191 -6.49 9.04 -16.07
N PHE A 192 -6.95 10.20 -15.60
CA PHE A 192 -8.35 10.54 -15.65
C PHE A 192 -8.79 10.91 -17.06
N GLY A 193 -7.86 11.35 -17.90
CA GLY A 193 -8.22 11.55 -19.31
C GLY A 193 -8.56 10.23 -19.99
N TYR A 194 -7.74 9.21 -19.71
CA TYR A 194 -8.03 7.87 -20.18
C TYR A 194 -9.38 7.40 -19.65
N MET A 195 -9.64 7.65 -18.37
CA MET A 195 -10.91 7.23 -17.79
C MET A 195 -12.12 7.87 -18.50
N GLN A 196 -12.01 9.14 -18.89
N GLN A 196 -12.01 9.15 -18.78
CA GLN A 196 -13.09 9.77 -19.70
CA GLN A 196 -13.11 9.83 -19.42
C GLN A 196 -13.31 8.99 -20.99
C GLN A 196 -13.25 9.31 -20.86
N ARG A 197 -12.22 8.70 -21.67
N ARG A 197 -12.21 8.79 -21.54
CA ARG A 197 -12.28 8.00 -22.93
CA ARG A 197 -12.31 8.07 -22.84
C ARG A 197 -12.85 6.59 -22.74
C ARG A 197 -12.88 6.63 -22.72
N GLU A 198 -12.62 5.95 -21.58
CA GLU A 198 -13.28 4.67 -21.30
C GLU A 198 -14.78 4.85 -21.29
N ALA A 199 -15.25 5.88 -20.60
CA ALA A 199 -16.69 6.08 -20.46
C ALA A 199 -17.33 6.37 -21.80
N ALA A 200 -16.58 6.99 -22.70
CA ALA A 200 -17.05 7.32 -24.03
C ALA A 200 -16.93 6.14 -25.01
N GLY A 201 -16.46 4.99 -24.54
CA GLY A 201 -16.35 3.82 -25.40
C GLY A 201 -15.20 3.89 -26.39
N GLU A 202 -14.19 4.71 -26.10
CA GLU A 202 -13.12 4.99 -27.04
C GLU A 202 -11.86 4.16 -26.85
N VAL A 203 -11.65 3.62 -25.65
CA VAL A 203 -10.46 2.86 -25.29
C VAL A 203 -10.89 1.72 -24.38
N PRO A 204 -10.07 0.67 -24.29
CA PRO A 204 -10.42 -0.46 -23.42
C PRO A 204 -10.63 -0.04 -21.98
N LYS A 205 -11.70 -0.53 -21.39
CA LYS A 205 -12.01 -0.19 -20.00
C LYS A 205 -11.15 -0.97 -19.02
N SER A 206 -10.90 -0.33 -17.87
CA SER A 206 -10.22 -0.96 -16.76
C SER A 206 -10.89 -0.51 -15.47
N ALA A 207 -10.66 0.75 -15.08
CA ALA A 207 -11.42 1.30 -13.95
C ALA A 207 -12.93 1.15 -14.14
N LEU A 208 -13.39 1.29 -15.37
CA LEU A 208 -14.81 1.21 -15.66
C LEU A 208 -15.24 -0.20 -16.09
N ALA A 209 -14.41 -1.19 -15.81
CA ALA A 209 -14.69 -2.62 -16.00
C ALA A 209 -14.32 -3.39 -14.75
N THR A 210 -14.64 -2.83 -13.58
N THR A 210 -14.52 -2.77 -13.59
CA THR A 210 -14.43 -3.49 -12.30
CA THR A 210 -14.45 -3.47 -12.32
C THR A 210 -13.04 -4.14 -12.18
C THR A 210 -13.05 -4.06 -12.05
N GLU A 211 -12.01 -3.34 -12.44
CA GLU A 211 -10.63 -3.71 -12.16
C GLU A 211 -10.03 -2.68 -11.22
N VAL A 212 -9.31 -3.15 -10.18
CA VAL A 212 -8.35 -2.33 -9.45
C VAL A 212 -7.49 -3.22 -8.53
N ILE A 213 -8.12 -4.05 -7.70
N ILE A 213 -8.11 -3.97 -7.61
CA ILE A 213 -7.46 -4.64 -6.55
CA ILE A 213 -7.35 -4.62 -6.53
C ILE A 213 -6.62 -5.87 -6.93
C ILE A 213 -6.51 -5.81 -6.98
N TYR A 214 -6.82 -6.38 -8.14
CA TYR A 214 -5.95 -7.40 -8.72
C TYR A 214 -5.17 -6.85 -9.91
N GLY A 215 -5.01 -5.52 -9.97
CA GLY A 215 -4.35 -4.87 -11.07
C GLY A 215 -5.33 -4.20 -12.02
N ASN A 216 -4.81 -3.23 -12.75
CA ASN A 216 -5.52 -2.57 -13.84
C ASN A 216 -4.83 -2.85 -15.15
N ASN A 217 -5.57 -3.42 -16.11
CA ASN A 217 -5.02 -3.69 -17.41
C ASN A 217 -4.76 -2.42 -18.23
N HIS A 218 -5.36 -1.29 -17.84
CA HIS A 218 -5.14 -0.03 -18.52
C HIS A 218 -5.26 1.10 -17.51
N GLY A 219 -4.75 2.28 -17.87
CA GLY A 219 -5.02 3.50 -17.16
C GLY A 219 -4.18 3.84 -15.95
N LYS A 220 -3.84 2.86 -15.12
CA LYS A 220 -3.20 3.14 -13.84
C LYS A 220 -1.68 3.21 -14.01
N GLN A 221 -1.09 4.34 -13.63
CA GLN A 221 0.35 4.49 -13.72
C GLN A 221 1.02 3.92 -12.47
N SER A 222 1.09 2.59 -12.44
CA SER A 222 1.84 1.88 -11.43
C SER A 222 3.35 2.13 -11.63
N LEU A 223 4.16 1.70 -10.65
CA LEU A 223 5.57 2.09 -10.61
C LEU A 223 6.38 1.50 -11.74
N ASP A 224 5.93 0.38 -12.29
CA ASP A 224 6.59 -0.19 -13.46
C ASP A 224 6.61 0.78 -14.66
N LYS A 225 5.60 1.66 -14.75
CA LYS A 225 5.54 2.66 -15.80
C LYS A 225 6.30 3.93 -15.49
N THR A 226 6.50 4.23 -14.21
CA THR A 226 7.04 5.52 -13.81
C THR A 226 8.46 5.33 -13.27
N TYR A 227 8.65 5.28 -11.95
CA TYR A 227 9.99 5.19 -11.39
C TYR A 227 10.79 4.01 -11.91
N LEU A 228 10.19 2.83 -11.98
CA LEU A 228 10.97 1.65 -12.35
C LEU A 228 11.38 1.69 -13.82
N ALA A 229 10.49 2.13 -14.70
CA ALA A 229 10.88 2.32 -16.10
C ALA A 229 12.06 3.28 -16.20
N ALA A 230 12.00 4.38 -15.48
CA ALA A 230 13.09 5.35 -15.49
C ALA A 230 14.35 4.73 -14.94
N ALA A 231 14.25 3.95 -13.86
CA ALA A 231 15.43 3.32 -13.27
C ALA A 231 16.11 2.39 -14.28
N LEU A 232 15.32 1.56 -14.94
CA LEU A 232 15.86 0.69 -15.97
C LEU A 232 16.50 1.51 -17.10
N GLY A 233 15.91 2.66 -17.42
CA GLY A 233 16.44 3.54 -18.46
C GLY A 233 17.80 4.14 -18.18
N THR A 234 18.23 4.15 -16.91
CA THR A 234 19.56 4.67 -16.58
C THR A 234 20.68 3.80 -17.11
N GLY A 235 20.38 2.53 -17.40
CA GLY A 235 21.40 1.56 -17.78
C GLY A 235 22.17 0.97 -16.62
N LYS A 236 21.82 1.33 -15.39
N LYS A 236 21.80 1.36 -15.39
CA LYS A 236 22.57 0.91 -14.20
CA LYS A 236 22.52 0.97 -14.18
C LYS A 236 21.74 0.03 -13.26
C LYS A 236 21.65 0.20 -13.18
N VAL A 237 20.48 -0.28 -13.63
CA VAL A 237 19.58 -1.01 -12.75
C VAL A 237 19.05 -2.25 -13.45
N THR A 238 19.07 -3.39 -12.76
N THR A 238 19.08 -3.36 -12.71
CA THR A 238 18.38 -4.58 -13.26
CA THR A 238 18.52 -4.64 -13.14
C THR A 238 17.47 -5.10 -12.15
C THR A 238 17.45 -5.07 -12.12
N ILE A 239 16.46 -5.86 -12.56
CA ILE A 239 15.46 -6.39 -11.66
C ILE A 239 15.37 -7.89 -11.89
N GLN A 240 15.55 -8.69 -10.83
CA GLN A 240 15.35 -10.14 -10.87
C GLN A 240 14.10 -10.49 -10.09
N THR A 241 13.18 -11.19 -10.75
CA THR A 241 11.86 -11.51 -10.21
C THR A 241 11.80 -12.94 -9.68
N LEU A 242 10.78 -13.23 -8.90
CA LEU A 242 10.62 -14.52 -8.24
C LEU A 242 11.88 -14.86 -7.43
N HIS A 243 12.49 -13.80 -6.86
CA HIS A 243 13.67 -13.90 -5.99
C HIS A 243 13.31 -13.28 -4.64
N GLN A 244 13.26 -14.11 -3.60
CA GLN A 244 12.90 -13.66 -2.26
C GLN A 244 14.13 -13.68 -1.37
N VAL A 245 14.49 -12.54 -0.80
CA VAL A 245 15.56 -12.51 0.17
C VAL A 245 15.07 -13.14 1.46
N LYS A 246 15.89 -14.04 2.01
N LYS A 246 15.88 -14.06 2.01
CA LYS A 246 15.58 -14.75 3.25
CA LYS A 246 15.55 -14.69 3.28
C LYS A 246 16.44 -14.38 4.45
C LYS A 246 16.41 -14.16 4.43
N THR A 247 17.72 -14.08 4.26
CA THR A 247 18.59 -13.68 5.35
C THR A 247 19.56 -12.60 4.90
N ILE A 248 19.99 -11.78 5.85
CA ILE A 248 20.96 -10.71 5.66
C ILE A 248 22.02 -10.84 6.73
N ARG A 249 23.29 -10.77 6.35
CA ARG A 249 24.40 -10.72 7.31
C ARG A 249 25.40 -9.67 6.86
N GLN A 250 26.26 -9.22 7.76
N GLN A 250 26.24 -9.24 7.79
CA GLN A 250 27.33 -8.30 7.39
CA GLN A 250 27.35 -8.36 7.53
C GLN A 250 28.61 -9.08 7.23
C GLN A 250 28.53 -9.25 7.15
N THR A 251 29.22 -8.91 6.07
CA THR A 251 30.47 -9.58 5.80
C THR A 251 31.62 -9.02 6.70
N LYS A 252 32.78 -9.68 6.72
N LYS A 252 32.65 -9.86 6.85
N LYS A 252 32.74 -9.72 6.75
CA LYS A 252 33.82 -9.29 7.67
CA LYS A 252 33.82 -9.50 7.60
CA LYS A 252 33.81 -9.32 7.66
C LYS A 252 34.45 -7.92 7.34
C LYS A 252 34.39 -8.34 6.84
C LYS A 252 34.26 -7.88 7.40
N ASP A 253 34.29 -7.48 6.09
N ASP A 253 33.65 -7.95 5.80
CA ASP A 253 34.82 -6.20 5.65
CA ASP A 253 34.09 -6.98 4.81
C ASP A 253 33.73 -5.14 5.56
C ASP A 253 33.14 -5.79 4.77
N GLY A 254 32.57 -5.39 6.18
N GLY A 254 32.55 -5.48 5.92
CA GLY A 254 31.53 -4.37 6.30
CA GLY A 254 31.72 -4.29 6.07
C GLY A 254 30.55 -4.23 5.14
C GLY A 254 30.53 -4.26 5.14
N GLY A 255 30.54 -5.10 4.11
CA GLY A 255 29.45 -5.19 3.14
C GLY A 255 28.37 -6.13 3.66
N TYR A 256 27.44 -6.50 2.79
CA TYR A 256 26.30 -7.34 3.18
C TYR A 256 26.17 -8.51 2.24
N ALA A 257 25.78 -9.64 2.78
CA ALA A 257 25.52 -10.86 2.01
C ALA A 257 24.12 -11.36 2.31
N LEU A 258 23.44 -11.77 1.25
CA LEU A 258 22.04 -12.17 1.28
C LEU A 258 21.90 -13.63 0.83
N THR A 259 21.03 -14.38 1.50
CA THR A 259 20.57 -15.64 0.90
C THR A 259 19.24 -15.36 0.21
N VAL A 260 19.11 -15.84 -1.02
CA VAL A 260 18.02 -15.48 -1.90
C VAL A 260 17.48 -16.75 -2.54
N GLU A 261 16.17 -16.99 -2.40
CA GLU A 261 15.53 -18.13 -3.02
C GLU A 261 14.89 -17.71 -4.34
N GLN A 262 15.18 -18.48 -5.38
CA GLN A 262 14.51 -18.32 -6.67
C GLN A 262 13.45 -19.40 -6.82
N LYS A 263 12.22 -19.00 -7.10
CA LYS A 263 11.10 -19.92 -7.24
C LYS A 263 10.48 -19.78 -8.62
N ASP A 264 9.68 -20.78 -9.02
CA ASP A 264 8.79 -20.60 -10.16
C ASP A 264 7.42 -20.08 -9.69
N THR A 265 6.51 -19.85 -10.64
CA THR A 265 5.21 -19.28 -10.31
C THR A 265 4.29 -20.25 -9.57
N ASP A 266 4.66 -21.52 -9.51
CA ASP A 266 3.97 -22.50 -8.68
C ASP A 266 4.55 -22.56 -7.27
N GLY A 267 5.58 -21.77 -6.99
CA GLY A 267 6.22 -21.79 -5.68
C GLY A 267 7.29 -22.84 -5.49
N LYS A 268 7.68 -23.53 -6.55
N LYS A 268 7.65 -23.56 -6.55
CA LYS A 268 8.72 -24.53 -6.42
CA LYS A 268 8.72 -24.55 -6.47
C LYS A 268 10.09 -23.88 -6.34
C LYS A 268 10.06 -23.82 -6.30
N LEU A 269 10.91 -24.34 -5.41
CA LEU A 269 12.25 -23.82 -5.22
C LEU A 269 13.15 -24.29 -6.34
N LEU A 270 13.72 -23.34 -7.07
CA LEU A 270 14.58 -23.62 -8.21
C LEU A 270 16.07 -23.53 -7.83
N ALA A 271 16.42 -22.61 -6.94
CA ALA A 271 17.80 -22.37 -6.56
C ALA A 271 17.83 -21.52 -5.33
N THR A 272 18.92 -21.66 -4.56
CA THR A 272 19.24 -20.72 -3.51
C THR A 272 20.59 -20.11 -3.83
N LYS A 273 20.66 -18.79 -3.79
CA LYS A 273 21.79 -18.02 -4.21
C LYS A 273 22.31 -17.14 -3.10
N GLU A 274 23.60 -16.83 -3.13
N GLU A 274 23.60 -16.85 -3.13
CA GLU A 274 24.19 -15.83 -2.22
CA GLU A 274 24.17 -15.83 -2.26
C GLU A 274 24.67 -14.61 -3.01
C GLU A 274 24.57 -14.62 -3.10
N ILE A 275 24.08 -13.46 -2.68
CA ILE A 275 24.32 -12.21 -3.39
C ILE A 275 24.92 -11.25 -2.38
N SER A 276 26.02 -10.58 -2.71
CA SER A 276 26.60 -9.59 -1.81
C SER A 276 26.69 -8.22 -2.43
N CYS A 277 26.92 -7.22 -1.58
CA CYS A 277 26.88 -5.84 -2.01
C CYS A 277 27.62 -4.94 -1.03
N ARG A 278 27.85 -3.71 -1.45
CA ARG A 278 28.40 -2.66 -0.59
C ARG A 278 27.28 -1.90 0.14
N TYR A 279 26.24 -1.54 -0.58
CA TYR A 279 25.12 -0.77 -0.04
C TYR A 279 23.86 -1.60 -0.15
N LEU A 280 23.12 -1.74 0.93
CA LEU A 280 21.91 -2.56 0.97
C LEU A 280 20.71 -1.70 1.38
N PHE A 281 19.71 -1.67 0.51
CA PHE A 281 18.49 -0.89 0.71
C PHE A 281 17.29 -1.83 0.82
N LEU A 282 16.56 -1.72 1.92
CA LEU A 282 15.36 -2.53 2.13
C LEU A 282 14.14 -1.74 1.69
N GLY A 283 13.41 -2.31 0.75
CA GLY A 283 12.14 -1.79 0.25
C GLY A 283 11.10 -2.88 0.17
N ALA A 284 11.11 -3.80 1.12
CA ALA A 284 10.22 -4.95 1.15
C ALA A 284 8.87 -4.68 1.84
N GLY A 285 8.62 -3.42 2.16
CA GLY A 285 7.39 -2.99 2.78
C GLY A 285 7.44 -2.99 4.29
N SER A 286 6.45 -2.36 4.93
CA SER A 286 6.28 -2.44 6.37
C SER A 286 6.43 -3.88 6.87
N LEU A 287 5.74 -4.83 6.24
CA LEU A 287 5.81 -6.20 6.72
C LEU A 287 7.17 -6.82 6.36
N GLY A 288 7.59 -6.70 5.09
CA GLY A 288 8.73 -7.46 4.61
C GLY A 288 10.06 -6.96 5.12
N SER A 289 10.25 -5.64 5.18
CA SER A 289 11.51 -5.10 5.68
C SER A 289 11.64 -5.39 7.17
N THR A 290 10.55 -5.20 7.91
CA THR A 290 10.57 -5.44 9.33
C THR A 290 10.88 -6.92 9.62
N GLU A 291 10.25 -7.82 8.90
CA GLU A 291 10.51 -9.24 9.12
C GLU A 291 11.98 -9.58 8.88
N LEU A 292 12.57 -9.06 7.80
CA LEU A 292 13.98 -9.35 7.54
C LEU A 292 14.85 -8.88 8.69
N LEU A 293 14.60 -7.69 9.23
CA LEU A 293 15.47 -7.17 10.28
C LEU A 293 15.22 -7.83 11.64
N VAL A 294 13.97 -8.10 11.97
N VAL A 294 13.97 -8.13 12.02
CA VAL A 294 13.67 -8.81 13.19
CA VAL A 294 13.78 -8.85 13.29
C VAL A 294 14.35 -10.20 13.17
C VAL A 294 14.41 -10.24 13.19
N ARG A 295 14.24 -10.91 12.05
CA ARG A 295 14.90 -12.20 11.85
C ARG A 295 16.40 -12.06 12.02
N ALA A 296 17.01 -11.08 11.34
CA ALA A 296 18.46 -10.92 11.41
C ALA A 296 18.93 -10.65 12.83
N ARG A 297 18.22 -9.81 13.57
CA ARG A 297 18.60 -9.54 14.94
C ARG A 297 18.52 -10.82 15.78
N ASP A 298 17.39 -11.50 15.69
N ASP A 298 17.38 -11.49 15.75
CA ASP A 298 17.06 -12.53 16.64
CA ASP A 298 17.14 -12.59 16.68
C ASP A 298 17.59 -13.93 16.24
C ASP A 298 17.90 -13.85 16.34
N THR A 299 18.19 -14.05 15.07
CA THR A 299 18.96 -15.22 14.67
C THR A 299 20.47 -14.95 14.66
N GLY A 300 20.88 -13.73 15.04
CA GLY A 300 22.27 -13.44 15.23
C GLY A 300 23.07 -13.05 14.02
N THR A 301 22.41 -12.78 12.89
CA THR A 301 23.14 -12.38 11.69
C THR A 301 23.34 -10.86 11.59
N LEU A 302 22.51 -10.06 12.26
CA LEU A 302 22.75 -8.61 12.42
C LEU A 302 22.56 -8.32 13.92
N PRO A 303 23.49 -8.78 14.75
CA PRO A 303 23.28 -8.73 16.19
C PRO A 303 23.27 -7.32 16.78
N ASN A 304 23.72 -6.32 16.04
N ASN A 304 23.73 -6.32 16.03
CA ASN A 304 23.77 -4.97 16.59
CA ASN A 304 23.83 -4.96 16.56
C ASN A 304 22.58 -4.11 16.22
C ASN A 304 22.52 -4.16 16.39
N LEU A 305 21.51 -4.74 15.74
CA LEU A 305 20.24 -4.04 15.55
C LEU A 305 19.64 -3.70 16.92
N ASN A 306 18.94 -2.57 16.99
CA ASN A 306 18.42 -2.10 18.27
C ASN A 306 17.03 -2.67 18.58
N SER A 307 16.55 -2.30 19.76
CA SER A 307 15.29 -2.85 20.27
C SER A 307 14.08 -2.25 19.59
N GLU A 308 14.26 -1.14 18.87
CA GLU A 308 13.15 -0.52 18.16
C GLU A 308 12.82 -1.24 16.87
N VAL A 309 13.72 -2.08 16.35
CA VAL A 309 13.39 -2.88 15.20
C VAL A 309 12.22 -3.81 15.58
N GLY A 310 11.15 -3.74 14.81
CA GLY A 310 9.91 -4.46 15.09
C GLY A 310 8.80 -3.62 15.65
N ALA A 311 9.12 -2.49 16.26
CA ALA A 311 8.17 -1.72 17.05
C ALA A 311 7.41 -0.69 16.24
N GLY A 312 6.36 -0.14 16.84
CA GLY A 312 5.74 1.05 16.29
C GLY A 312 4.89 0.82 15.04
N TRP A 313 4.29 -0.35 14.90
CA TRP A 313 3.43 -0.62 13.76
C TRP A 313 1.99 -0.15 14.02
N GLY A 314 1.38 0.44 13.00
CA GLY A 314 -0.04 0.69 13.05
C GLY A 314 -0.65 0.56 11.68
N PRO A 315 -1.97 0.39 11.62
CA PRO A 315 -2.67 0.14 10.34
C PRO A 315 -3.17 1.43 9.66
N ASN A 316 -2.51 2.56 9.91
CA ASN A 316 -2.98 3.86 9.40
C ASN A 316 -4.43 4.11 9.83
N GLY A 317 -4.82 3.62 11.01
CA GLY A 317 -6.15 3.82 11.50
C GLY A 317 -7.26 3.30 10.59
N ASN A 318 -6.98 2.31 9.75
CA ASN A 318 -7.91 1.87 8.74
C ASN A 318 -9.14 1.15 9.37
N ILE A 319 -10.33 1.61 9.02
CA ILE A 319 -11.59 0.99 9.43
C ILE A 319 -12.53 1.07 8.23
N MET A 320 -13.20 -0.02 7.89
N MET A 320 -13.21 -0.01 7.89
CA MET A 320 -14.18 0.01 6.79
CA MET A 320 -14.19 0.05 6.80
C MET A 320 -15.59 0.07 7.40
C MET A 320 -15.61 0.01 7.35
N THR A 321 -16.48 0.85 6.80
CA THR A 321 -17.86 0.85 7.22
C THR A 321 -18.74 1.19 6.03
N ALA A 322 -20.06 1.09 6.21
CA ALA A 322 -21.01 1.23 5.10
C ALA A 322 -22.34 1.71 5.63
N ARG A 323 -23.01 2.51 4.82
CA ARG A 323 -24.33 3.03 5.10
C ARG A 323 -25.30 2.57 4.04
N ALA A 324 -26.53 2.31 4.47
CA ALA A 324 -27.66 2.02 3.59
C ALA A 324 -28.33 3.31 3.19
N ASN A 325 -28.35 3.60 1.89
CA ASN A 325 -29.01 4.79 1.40
C ASN A 325 -30.52 4.63 1.32
N HIS A 326 -31.21 5.76 1.42
CA HIS A 326 -32.62 5.80 1.06
C HIS A 326 -32.82 5.29 -0.36
N MET A 327 -34.00 4.73 -0.62
N MET A 327 -34.01 4.75 -0.64
CA MET A 327 -34.34 4.20 -1.94
CA MET A 327 -34.30 4.21 -1.97
C MET A 327 -34.16 5.24 -3.02
C MET A 327 -34.19 5.25 -3.05
N TRP A 328 -34.44 6.50 -2.68
CA TRP A 328 -34.32 7.60 -3.61
C TRP A 328 -32.89 8.09 -3.87
N ASN A 329 -31.90 7.48 -3.20
CA ASN A 329 -30.49 7.81 -3.38
C ASN A 329 -29.68 6.58 -3.83
N PRO A 330 -30.02 6.02 -5.00
CA PRO A 330 -29.22 4.90 -5.50
C PRO A 330 -27.78 5.34 -5.79
N THR A 331 -26.82 4.44 -5.61
CA THR A 331 -25.43 4.76 -5.84
C THR A 331 -24.95 4.35 -7.24
N GLY A 332 -25.78 3.58 -7.96
CA GLY A 332 -25.49 3.23 -9.34
C GLY A 332 -24.99 1.81 -9.51
N ALA A 333 -25.38 1.20 -10.61
CA ALA A 333 -24.84 -0.09 -11.02
C ALA A 333 -23.42 0.06 -11.54
N HIS A 334 -23.10 1.23 -12.10
N HIS A 334 -23.13 1.23 -12.12
CA HIS A 334 -21.81 1.48 -12.74
CA HIS A 334 -21.84 1.53 -12.74
C HIS A 334 -21.02 2.43 -11.89
C HIS A 334 -21.04 2.43 -11.83
N GLN A 335 -19.98 1.90 -11.23
CA GLN A 335 -19.16 2.66 -10.31
C GLN A 335 -17.71 2.53 -10.73
N SER A 336 -17.06 3.64 -11.02
CA SER A 336 -15.64 3.59 -11.31
C SER A 336 -14.91 2.94 -10.15
N SER A 337 -13.95 2.07 -10.47
CA SER A 337 -13.20 1.35 -9.45
C SER A 337 -12.14 2.19 -8.74
N ILE A 338 -11.93 3.42 -9.23
CA ILE A 338 -10.95 4.34 -8.69
C ILE A 338 -11.68 5.44 -7.90
N PRO A 339 -11.44 5.56 -6.60
CA PRO A 339 -12.10 6.62 -5.84
C PRO A 339 -11.68 8.00 -6.31
N ALA A 340 -12.59 8.97 -6.19
CA ALA A 340 -12.29 10.36 -6.55
C ALA A 340 -12.47 11.34 -5.41
N LEU A 341 -13.26 10.98 -4.39
CA LEU A 341 -13.60 11.89 -3.31
C LEU A 341 -13.29 11.28 -1.96
N GLY A 342 -12.93 12.15 -1.02
CA GLY A 342 -12.86 11.78 0.38
C GLY A 342 -13.65 12.78 1.23
N ILE A 343 -14.11 12.33 2.39
CA ILE A 343 -14.69 13.20 3.41
C ILE A 343 -13.55 13.65 4.31
N ASP A 344 -13.31 14.95 4.36
CA ASP A 344 -12.21 15.49 5.17
C ASP A 344 -12.76 16.02 6.50
N ALA A 345 -12.63 15.18 7.50
CA ALA A 345 -12.97 15.55 8.86
C ALA A 345 -11.75 15.36 9.77
N TRP A 346 -10.57 15.67 9.23
CA TRP A 346 -9.31 15.46 9.95
C TRP A 346 -8.79 16.79 10.48
N ASP A 347 -8.83 16.97 11.79
CA ASP A 347 -8.37 18.20 12.43
C ASP A 347 -7.18 18.01 13.38
N ASN A 348 -6.58 16.84 13.30
CA ASN A 348 -5.45 16.40 14.13
C ASN A 348 -5.82 15.97 15.55
N SER A 349 -7.10 16.11 15.91
CA SER A 349 -7.59 15.59 17.19
C SER A 349 -7.86 14.09 17.13
N ASP A 350 -8.13 13.50 18.28
CA ASP A 350 -8.41 12.07 18.34
C ASP A 350 -9.73 11.70 17.66
N SER A 351 -10.56 12.69 17.33
N SER A 351 -10.56 12.69 17.33
CA SER A 351 -11.79 12.40 16.57
CA SER A 351 -11.79 12.43 16.57
C SER A 351 -11.58 12.54 15.06
C SER A 351 -11.57 12.47 15.05
N SER A 352 -10.36 12.76 14.62
CA SER A 352 -10.07 12.94 13.19
C SER A 352 -10.49 11.76 12.34
N VAL A 353 -11.07 12.05 11.18
CA VAL A 353 -11.33 11.04 10.17
C VAL A 353 -11.11 11.67 8.80
N PHE A 354 -10.34 10.96 7.95
CA PHE A 354 -10.31 11.22 6.52
C PHE A 354 -10.87 9.95 5.90
N ALA A 355 -12.02 10.05 5.23
CA ALA A 355 -12.68 8.84 4.74
C ALA A 355 -12.73 8.80 3.21
N GLU A 356 -12.11 7.78 2.65
N GLU A 356 -12.09 7.79 2.63
CA GLU A 356 -12.22 7.48 1.24
CA GLU A 356 -12.28 7.51 1.22
C GLU A 356 -13.66 7.02 0.94
C GLU A 356 -13.72 7.12 1.01
N ILE A 357 -14.31 7.64 -0.05
CA ILE A 357 -15.61 7.17 -0.51
C ILE A 357 -15.30 6.10 -1.57
N ALA A 358 -15.51 4.86 -1.19
CA ALA A 358 -15.06 3.71 -1.95
C ALA A 358 -16.16 3.19 -2.88
N PRO A 359 -15.79 2.80 -4.10
CA PRO A 359 -16.78 2.22 -5.00
C PRO A 359 -17.13 0.80 -4.62
N MET A 360 -18.29 0.36 -5.07
N MET A 360 -18.34 0.41 -5.03
CA MET A 360 -18.58 -1.04 -4.94
CA MET A 360 -18.92 -0.95 -4.89
C MET A 360 -18.89 -1.68 -6.24
C MET A 360 -18.84 -1.59 -6.30
N PRO A 361 -18.23 -2.79 -6.45
CA PRO A 361 -18.11 -3.37 -7.79
C PRO A 361 -19.22 -4.33 -8.19
N ALA A 362 -20.31 -4.42 -7.46
N ALA A 362 -20.34 -4.34 -7.51
CA ALA A 362 -21.39 -5.29 -7.89
CA ALA A 362 -21.42 -5.30 -7.79
C ALA A 362 -22.09 -4.65 -9.08
C ALA A 362 -21.99 -5.27 -9.19
N GLY A 363 -22.35 -5.43 -10.11
N GLY A 363 -21.95 -4.11 -9.86
CA GLY A 363 -22.89 -4.92 -11.35
CA GLY A 363 -22.49 -4.00 -11.20
C GLY A 363 -24.35 -4.62 -11.20
C GLY A 363 -24.02 -3.92 -11.28
N LEU A 364 -24.71 -3.93 -10.13
CA LEU A 364 -26.13 -3.65 -9.99
C LEU A 364 -26.39 -2.79 -8.77
N GLU A 365 -27.60 -2.27 -8.66
CA GLU A 365 -27.90 -1.35 -7.58
C GLU A 365 -28.03 -2.07 -6.23
N THR A 366 -27.28 -1.58 -5.26
CA THR A 366 -27.31 -2.09 -3.89
C THR A 366 -27.71 -1.05 -2.84
N TRP A 367 -27.73 0.21 -3.24
CA TRP A 367 -27.95 1.35 -2.33
C TRP A 367 -26.87 1.50 -1.26
N VAL A 368 -25.77 0.76 -1.35
CA VAL A 368 -24.74 0.86 -0.31
C VAL A 368 -23.73 1.97 -0.64
N SER A 369 -23.41 2.76 0.37
CA SER A 369 -22.21 3.59 0.35
C SER A 369 -21.15 2.95 1.24
N LEU A 370 -19.94 2.81 0.71
CA LEU A 370 -18.82 2.14 1.37
C LEU A 370 -17.73 3.16 1.65
N TYR A 371 -17.08 3.06 2.82
CA TYR A 371 -16.08 4.02 3.24
C TYR A 371 -14.88 3.32 3.84
N LEU A 372 -13.68 3.77 3.46
N LEU A 372 -13.68 3.79 3.48
CA LEU A 372 -12.45 3.42 4.17
CA LEU A 372 -12.47 3.39 4.18
C LEU A 372 -12.08 4.64 5.00
C LEU A 372 -12.01 4.59 5.00
N ALA A 373 -12.29 4.54 6.30
CA ALA A 373 -11.91 5.60 7.22
C ALA A 373 -10.45 5.45 7.60
N ILE A 374 -9.76 6.60 7.65
CA ILE A 374 -8.39 6.73 8.14
C ILE A 374 -8.49 7.62 9.38
N THR A 375 -8.04 7.08 10.51
CA THR A 375 -8.26 7.68 11.82
C THR A 375 -6.92 7.88 12.56
N LYS A 376 -7.00 8.53 13.71
CA LYS A 376 -5.86 8.82 14.58
C LYS A 376 -6.01 8.02 15.85
N ASN A 377 -5.35 6.88 15.91
CA ASN A 377 -5.43 5.95 17.02
C ASN A 377 -4.01 5.68 17.48
N PRO A 378 -3.65 6.02 18.72
CA PRO A 378 -2.24 5.93 19.14
C PRO A 378 -1.76 4.49 19.38
N GLN A 379 -2.64 3.50 19.38
CA GLN A 379 -2.20 2.13 19.62
C GLN A 379 -1.23 1.68 18.56
N ARG A 380 -0.22 0.94 19.00
CA ARG A 380 0.79 0.36 18.11
C ARG A 380 1.02 -1.11 18.46
N GLY A 381 1.40 -1.86 17.44
CA GLY A 381 1.81 -3.24 17.60
C GLY A 381 3.30 -3.43 17.37
N THR A 382 3.77 -4.63 17.68
CA THR A 382 5.16 -5.00 17.57
C THR A 382 5.26 -6.32 16.83
N PHE A 383 6.19 -6.40 15.88
CA PHE A 383 6.55 -7.67 15.26
C PHE A 383 7.56 -8.37 16.14
N VAL A 384 7.23 -9.58 16.59
CA VAL A 384 8.04 -10.40 17.50
C VAL A 384 8.48 -11.63 16.73
N TYR A 385 9.78 -11.92 16.73
CA TYR A 385 10.28 -13.06 15.97
C TYR A 385 9.92 -14.36 16.66
N ASP A 386 9.36 -15.28 15.87
CA ASP A 386 9.15 -16.65 16.28
C ASP A 386 10.20 -17.53 15.64
N ALA A 387 11.22 -17.92 16.39
CA ALA A 387 12.27 -18.77 15.83
C ALA A 387 11.76 -20.14 15.43
N ALA A 388 10.67 -20.60 16.05
CA ALA A 388 10.15 -21.92 15.73
C ALA A 388 9.74 -21.99 14.25
N THR A 389 8.89 -21.05 13.83
CA THR A 389 8.41 -21.02 12.46
C THR A 389 9.20 -20.11 11.54
N ASP A 390 10.21 -19.41 12.07
CA ASP A 390 11.01 -18.46 11.31
C ASP A 390 10.15 -17.35 10.68
N ARG A 391 9.22 -16.80 11.46
CA ARG A 391 8.38 -15.71 11.01
C ARG A 391 8.31 -14.64 12.06
N ALA A 392 8.18 -13.42 11.56
N ALA A 392 8.28 -13.38 11.64
CA ALA A 392 7.72 -12.31 12.37
CA ALA A 392 8.08 -12.26 12.56
C ALA A 392 6.24 -12.46 12.62
C ALA A 392 6.57 -12.02 12.66
N LYS A 393 5.84 -12.26 13.87
N LYS A 393 6.02 -12.32 13.83
CA LYS A 393 4.44 -12.34 14.20
CA LYS A 393 4.57 -12.23 13.99
C LYS A 393 4.00 -11.00 14.78
C LYS A 393 4.21 -10.86 14.56
N LEU A 394 3.08 -10.33 14.12
CA LEU A 394 2.57 -9.04 14.61
C LEU A 394 1.67 -9.27 15.84
N ASN A 395 1.94 -8.62 16.95
N ASN A 395 2.16 -8.72 16.95
CA ASN A 395 1.20 -8.92 18.17
CA ASN A 395 1.43 -8.54 18.20
C ASN A 395 -0.05 -8.05 18.43
C ASN A 395 0.60 -7.26 18.08
N TRP A 396 -0.54 -7.39 17.42
CA TRP A 396 -1.67 -6.48 17.49
C TRP A 396 -2.91 -7.26 17.94
N THR A 397 -3.72 -6.67 18.80
CA THR A 397 -5.01 -7.24 19.16
C THR A 397 -6.16 -6.37 18.65
N ARG A 398 -7.30 -7.00 18.36
CA ARG A 398 -8.44 -6.28 17.80
C ARG A 398 -8.92 -5.14 18.73
N ASP A 399 -8.83 -5.36 20.05
N ASP A 399 -8.81 -5.33 20.05
CA ASP A 399 -9.14 -4.32 21.01
CA ASP A 399 -9.21 -4.27 20.95
C ASP A 399 -8.36 -3.04 20.74
C ASP A 399 -8.34 -3.03 20.79
N GLN A 400 -7.14 -3.18 20.21
CA GLN A 400 -6.31 -2.02 19.92
C GLN A 400 -6.90 -1.13 18.86
N ASN A 401 -7.86 -1.62 18.06
CA ASN A 401 -8.54 -0.77 17.10
C ASN A 401 -9.78 -0.08 17.65
N ALA A 402 -10.08 -0.25 18.95
CA ALA A 402 -11.27 0.39 19.48
C ALA A 402 -11.27 1.90 19.29
N PRO A 403 -10.14 2.60 19.51
CA PRO A 403 -10.19 4.05 19.31
C PRO A 403 -10.49 4.44 17.86
N ALA A 404 -9.98 3.66 16.91
CA ALA A 404 -10.24 3.88 15.48
C ALA A 404 -11.72 3.65 15.15
N VAL A 405 -12.28 2.55 15.64
CA VAL A 405 -13.71 2.32 15.48
C VAL A 405 -14.49 3.48 16.09
N ASN A 406 -14.12 3.89 17.30
CA ASN A 406 -14.88 4.93 17.97
C ASN A 406 -14.91 6.23 17.16
N ALA A 407 -13.76 6.61 16.59
CA ALA A 407 -13.70 7.83 15.79
C ALA A 407 -14.52 7.71 14.50
N ALA A 408 -14.37 6.58 13.81
CA ALA A 408 -15.16 6.35 12.59
C ALA A 408 -16.66 6.36 12.90
N LYS A 409 -17.04 5.70 13.99
CA LYS A 409 -18.45 5.62 14.34
C LYS A 409 -19.01 7.00 14.71
N ALA A 410 -18.24 7.80 15.42
CA ALA A 410 -18.75 9.12 15.78
C ALA A 410 -19.02 9.96 14.53
N LEU A 411 -18.16 9.83 13.53
N LEU A 411 -18.14 9.88 13.53
CA LEU A 411 -18.28 10.61 12.32
CA LEU A 411 -18.34 10.65 12.30
C LEU A 411 -19.47 10.14 11.46
C LEU A 411 -19.57 10.13 11.55
N PHE A 412 -19.61 8.83 11.27
CA PHE A 412 -20.71 8.30 10.48
C PHE A 412 -22.02 8.32 11.23
N ASP A 413 -22.01 8.36 12.56
CA ASP A 413 -23.23 8.56 13.32
C ASP A 413 -23.80 9.95 13.03
N ARG A 414 -22.93 10.96 12.89
CA ARG A 414 -23.39 12.30 12.55
C ARG A 414 -24.08 12.28 11.19
N ILE A 415 -23.51 11.57 10.23
CA ILE A 415 -24.10 11.50 8.89
C ILE A 415 -25.42 10.74 8.94
N ASN A 416 -25.47 9.64 9.66
CA ASN A 416 -26.73 8.92 9.79
C ASN A 416 -27.81 9.77 10.45
N LYS A 417 -27.46 10.53 11.49
CA LYS A 417 -28.44 11.33 12.21
C LYS A 417 -29.02 12.39 11.29
N ALA A 418 -28.16 13.05 10.51
CA ALA A 418 -28.59 14.14 9.66
C ALA A 418 -29.49 13.65 8.53
N ASN A 419 -29.35 12.39 8.15
CA ASN A 419 -30.06 11.83 6.99
C ASN A 419 -31.15 10.80 7.32
N GLY A 420 -31.27 10.39 8.58
CA GLY A 420 -32.21 9.33 8.93
C GLY A 420 -31.88 8.00 8.29
N THR A 421 -30.59 7.70 8.14
CA THR A 421 -30.16 6.42 7.57
C THR A 421 -29.53 5.59 8.67
N ILE A 422 -29.34 4.32 8.35
CA ILE A 422 -28.65 3.39 9.23
C ILE A 422 -27.45 2.73 8.54
N TYR A 423 -26.58 2.14 9.35
CA TYR A 423 -25.48 1.33 8.82
C TYR A 423 -26.01 0.05 8.17
N ARG A 424 -25.19 -0.51 7.27
CA ARG A 424 -25.26 -1.93 6.98
C ARG A 424 -24.49 -2.67 8.07
N TYR A 425 -24.95 -3.86 8.42
CA TYR A 425 -24.33 -4.68 9.46
C TYR A 425 -23.88 -6.03 8.92
N ASP A 426 -24.17 -6.31 7.65
CA ASP A 426 -24.05 -7.65 7.08
C ASP A 426 -22.96 -7.77 6.01
N LEU A 427 -22.12 -6.75 5.84
CA LEU A 427 -21.20 -6.76 4.68
C LEU A 427 -19.89 -7.44 4.96
N PHE A 428 -19.57 -7.68 6.22
CA PHE A 428 -18.24 -8.13 6.67
C PHE A 428 -18.37 -9.46 7.45
N GLY A 429 -19.31 -10.31 7.06
CA GLY A 429 -19.49 -11.60 7.72
C GLY A 429 -20.84 -11.75 8.39
N THR A 430 -21.08 -12.94 8.92
CA THR A 430 -22.37 -13.27 9.50
C THR A 430 -22.66 -12.45 10.77
N GLN A 431 -21.65 -12.26 11.60
CA GLN A 431 -21.81 -11.48 12.81
C GLN A 431 -22.25 -10.06 12.46
N LEU A 432 -23.32 -9.58 13.10
CA LEU A 432 -23.71 -8.18 13.00
C LEU A 432 -22.49 -7.33 13.30
N LYS A 433 -21.99 -6.62 12.30
CA LYS A 433 -20.75 -5.85 12.45
C LYS A 433 -20.75 -4.72 11.41
N ALA A 434 -20.90 -3.49 11.88
CA ALA A 434 -20.89 -2.33 10.99
C ALA A 434 -19.49 -1.80 10.67
N PHE A 435 -18.50 -2.15 11.49
CA PHE A 435 -17.14 -1.63 11.33
C PHE A 435 -16.15 -2.77 11.23
N ALA A 436 -15.49 -2.90 10.08
CA ALA A 436 -14.43 -3.89 9.92
C ALA A 436 -13.17 -3.33 10.53
N ASP A 437 -12.65 -4.04 11.53
CA ASP A 437 -11.59 -3.54 12.41
C ASP A 437 -10.38 -4.47 12.50
N ASP A 438 -10.23 -5.39 11.55
CA ASP A 438 -9.14 -6.36 11.62
C ASP A 438 -8.54 -6.58 10.24
N PHE A 439 -8.55 -5.56 9.42
N PHE A 439 -8.60 -5.52 9.45
CA PHE A 439 -7.82 -5.58 8.15
CA PHE A 439 -8.07 -5.43 8.08
C PHE A 439 -6.98 -4.32 8.06
C PHE A 439 -7.28 -4.12 7.91
N CYS A 440 -6.07 -4.33 7.08
N CYS A 440 -6.22 -4.14 7.09
CA CYS A 440 -5.28 -3.15 6.82
CA CYS A 440 -5.62 -2.88 6.67
C CYS A 440 -4.83 -3.18 5.36
C CYS A 440 -4.90 -2.97 5.33
N TYR A 441 -5.01 -2.06 4.67
N TYR A 441 -5.06 -1.91 4.54
CA TYR A 441 -4.45 -1.85 3.35
CA TYR A 441 -4.41 -1.78 3.26
C TYR A 441 -3.16 -0.98 3.39
C TYR A 441 -3.11 -0.99 3.38
N HIS A 442 -2.98 -0.25 4.48
CA HIS A 442 -1.93 0.76 4.63
C HIS A 442 -1.04 0.45 5.87
N PRO A 443 -0.26 -0.64 5.84
CA PRO A 443 0.56 -0.96 6.99
C PRO A 443 1.68 0.07 7.12
N LEU A 444 1.92 0.59 8.32
CA LEU A 444 2.92 1.61 8.52
C LEU A 444 3.70 1.32 9.79
N GLY A 445 5.01 1.31 9.68
CA GLY A 445 5.88 1.14 10.84
C GLY A 445 6.52 -0.23 10.92
N GLY A 446 7.22 -0.45 12.04
CA GLY A 446 8.07 -1.61 12.23
C GLY A 446 9.55 -1.30 12.23
N CYS A 447 9.97 -0.29 11.47
N CYS A 447 9.95 -0.22 11.56
CA CYS A 447 11.37 0.19 11.42
CA CYS A 447 11.35 0.15 11.50
C CYS A 447 11.36 1.71 11.40
C CYS A 447 11.40 1.68 11.44
N VAL A 448 10.84 2.30 12.47
CA VAL A 448 10.44 3.69 12.41
C VAL A 448 11.61 4.66 12.31
N LEU A 449 11.45 5.64 11.43
CA LEU A 449 12.41 6.69 11.17
C LEU A 449 12.78 7.40 12.47
N GLY A 450 14.07 7.40 12.83
CA GLY A 450 14.56 8.03 14.03
C GLY A 450 14.51 7.13 15.24
N LYS A 451 13.88 5.96 15.14
N LYS A 451 13.98 5.92 15.13
CA LYS A 451 13.80 5.00 16.25
CA LYS A 451 13.93 5.03 16.28
C LYS A 451 14.71 3.81 15.93
C LYS A 451 14.66 3.71 16.01
N ALA A 452 14.33 3.03 14.92
CA ALA A 452 15.13 1.92 14.43
C ALA A 452 16.27 2.36 13.52
N THR A 453 16.13 3.56 12.98
CA THR A 453 17.03 4.16 12.01
C THR A 453 17.35 5.60 12.43
N ASP A 454 18.30 6.22 11.74
CA ASP A 454 18.47 7.65 11.86
C ASP A 454 17.37 8.38 11.08
N ASP A 455 17.49 9.70 10.96
CA ASP A 455 16.42 10.47 10.34
C ASP A 455 16.35 10.35 8.82
N TYR A 456 17.22 9.52 8.22
CA TYR A 456 17.24 9.29 6.79
C TYR A 456 17.11 7.79 6.45
N GLY A 457 16.74 6.97 7.44
CA GLY A 457 16.55 5.54 7.25
C GLY A 457 17.80 4.70 7.33
N ARG A 458 18.92 5.28 7.80
CA ARG A 458 20.12 4.48 8.05
C ARG A 458 19.88 3.61 9.27
N VAL A 459 19.96 2.30 9.12
CA VAL A 459 19.65 1.40 10.20
C VAL A 459 20.66 1.56 11.35
N ALA A 460 20.14 1.76 12.56
CA ALA A 460 21.02 1.94 13.70
C ALA A 460 21.85 0.71 13.94
N GLY A 461 23.13 0.94 14.23
CA GLY A 461 24.08 -0.13 14.49
C GLY A 461 24.92 -0.52 13.29
N TYR A 462 24.59 -0.02 12.11
CA TYR A 462 25.21 -0.47 10.87
C TYR A 462 25.47 0.69 9.91
N LYS A 463 26.50 0.55 9.11
CA LYS A 463 26.83 1.48 8.04
C LYS A 463 26.41 0.89 6.71
N ASN A 464 25.96 1.74 5.79
CA ASN A 464 25.62 1.32 4.42
C ASN A 464 24.42 0.35 4.36
N LEU A 465 23.55 0.42 5.37
CA LEU A 465 22.35 -0.40 5.47
C LEU A 465 21.18 0.54 5.68
N TYR A 466 20.19 0.46 4.80
CA TYR A 466 19.14 1.47 4.73
C TYR A 466 17.77 0.82 4.64
N VAL A 467 16.78 1.45 5.25
CA VAL A 467 15.38 1.10 5.08
C VAL A 467 14.68 2.28 4.40
N THR A 468 13.78 2.00 3.45
CA THR A 468 13.34 3.02 2.52
C THR A 468 11.83 3.24 2.43
N ASP A 469 11.05 2.44 3.13
CA ASP A 469 9.68 2.18 2.72
C ASP A 469 8.68 2.47 3.86
N GLY A 470 7.46 1.90 3.75
CA GLY A 470 6.44 2.17 4.75
C GLY A 470 6.79 1.73 6.15
N SER A 471 7.80 0.87 6.32
N SER A 471 7.82 0.90 6.32
CA SER A 471 8.25 0.51 7.68
CA SER A 471 8.33 0.55 7.66
C SER A 471 8.83 1.72 8.45
C SER A 471 8.70 1.79 8.46
N LEU A 472 9.21 2.78 7.74
CA LEU A 472 9.76 3.98 8.36
C LEU A 472 8.70 4.86 9.03
N ILE A 473 7.46 4.77 8.55
N ILE A 473 7.46 4.78 8.56
CA ILE A 473 6.44 5.71 8.95
CA ILE A 473 6.47 5.75 8.99
C ILE A 473 5.89 5.31 10.32
C ILE A 473 5.86 5.32 10.31
N PRO A 474 5.69 6.27 11.24
CA PRO A 474 5.26 5.91 12.61
C PRO A 474 3.74 5.64 12.69
N GLY A 475 3.27 4.62 12.00
CA GLY A 475 1.93 4.05 12.18
C GLY A 475 0.75 4.76 11.56
N SER A 476 0.94 6.01 11.12
CA SER A 476 -0.18 6.86 10.72
C SER A 476 0.31 8.04 9.91
N VAL A 477 -0.40 8.38 8.82
CA VAL A 477 -0.17 9.65 8.15
C VAL A 477 -1.43 10.45 7.89
N GLY A 478 -2.61 9.91 8.26
CA GLY A 478 -3.86 10.64 8.16
C GLY A 478 -4.50 10.71 6.78
N VAL A 479 -3.83 10.10 5.80
CA VAL A 479 -4.28 10.06 4.40
C VAL A 479 -3.73 8.76 3.81
N ASN A 480 -4.11 8.45 2.58
CA ASN A 480 -3.53 7.30 1.88
C ASN A 480 -2.01 7.52 1.77
N PRO A 481 -1.19 6.50 2.07
CA PRO A 481 0.23 6.77 2.37
C PRO A 481 1.25 6.82 1.23
N PHE A 482 0.96 6.39 0.00
CA PHE A 482 2.11 6.20 -0.90
C PHE A 482 2.82 7.48 -1.31
N VAL A 483 2.14 8.62 -1.37
CA VAL A 483 2.85 9.87 -1.68
C VAL A 483 3.85 10.20 -0.59
N THR A 484 3.50 9.99 0.68
CA THR A 484 4.43 10.22 1.77
C THR A 484 5.61 9.28 1.67
N ILE A 485 5.38 8.01 1.42
CA ILE A 485 6.48 7.05 1.31
C ILE A 485 7.42 7.48 0.18
N THR A 486 6.85 7.89 -0.95
CA THR A 486 7.65 8.30 -2.10
C THR A 486 8.48 9.54 -1.79
N ALA A 487 7.85 10.55 -1.21
CA ALA A 487 8.54 11.82 -0.94
C ALA A 487 9.63 11.62 0.11
N LEU A 488 9.35 10.83 1.15
N LEU A 488 9.36 10.86 1.18
CA LEU A 488 10.36 10.56 2.18
CA LEU A 488 10.40 10.54 2.18
C LEU A 488 11.53 9.78 1.56
C LEU A 488 11.55 9.83 1.48
N ALA A 489 11.23 8.87 0.63
CA ALA A 489 12.27 8.10 -0.04
C ALA A 489 13.15 8.99 -0.92
N GLU A 490 12.53 9.97 -1.56
CA GLU A 490 13.30 10.95 -2.36
C GLU A 490 14.28 11.72 -1.45
N ARG A 491 13.78 12.21 -0.33
CA ARG A 491 14.62 12.90 0.64
C ARG A 491 15.77 12.03 1.11
N ASN A 492 15.45 10.79 1.48
CA ASN A 492 16.41 9.93 2.11
C ASN A 492 17.52 9.51 1.15
N VAL A 493 17.15 9.04 -0.05
CA VAL A 493 18.17 8.53 -0.95
C VAL A 493 19.07 9.69 -1.42
N GLU A 494 18.50 10.88 -1.60
N GLU A 494 18.50 10.88 -1.58
CA GLU A 494 19.34 11.99 -2.04
CA GLU A 494 19.30 12.03 -2.01
C GLU A 494 20.43 12.25 -0.99
C GLU A 494 20.39 12.34 -1.00
N ARG A 495 20.04 12.28 0.29
CA ARG A 495 21.02 12.53 1.37
C ARG A 495 22.04 11.42 1.46
N ILE A 496 21.57 10.17 1.38
CA ILE A 496 22.43 9.02 1.48
C ILE A 496 23.46 9.00 0.36
N ILE A 497 23.03 9.27 -0.86
CA ILE A 497 23.97 9.30 -1.96
C ILE A 497 25.00 10.39 -1.72
N LYS A 498 24.56 11.59 -1.34
N LYS A 498 24.54 11.57 -1.29
CA LYS A 498 25.49 12.68 -1.08
CA LYS A 498 25.45 12.70 -1.09
C LYS A 498 26.54 12.32 -0.03
C LYS A 498 26.48 12.47 0.03
N GLN A 499 26.08 11.82 1.12
CA GLN A 499 26.97 11.68 2.28
C GLN A 499 27.68 10.34 2.35
N ASP A 500 27.07 9.27 1.83
CA ASP A 500 27.56 7.93 2.11
C ASP A 500 28.16 7.22 0.90
N VAL A 501 27.69 7.53 -0.30
CA VAL A 501 28.00 6.72 -1.47
C VAL A 501 29.16 7.29 -2.20
N THR A 502 30.14 6.44 -2.47
S SO4 B . -32.05 13.51 0.63
O1 SO4 B . -32.50 12.27 1.27
O2 SO4 B . -33.17 14.43 0.52
O3 SO4 B . -31.48 13.16 -0.68
O4 SO4 B . -30.97 14.10 1.43
S SO4 C . 32.63 -12.90 4.56
O1 SO4 C . 31.97 -12.35 5.74
O2 SO4 C . 31.58 -13.25 3.61
O3 SO4 C . 33.56 -11.94 3.97
O4 SO4 C . 33.36 -14.13 4.92
S SO4 D . 13.74 19.33 -7.46
O1 SO4 D . 12.91 20.51 -7.22
O2 SO4 D . 12.86 18.16 -7.60
O3 SO4 D . 14.49 19.54 -8.69
O4 SO4 D . 14.66 19.17 -6.33
S SO4 E . -2.44 22.22 7.53
O1 SO4 E . -2.73 23.64 7.60
O2 SO4 E . -3.29 21.51 8.51
O3 SO4 E . -2.72 21.71 6.18
O4 SO4 E . -1.04 21.99 7.86
PA FDA F . 5.15 -2.30 -1.15
O1A FDA F . 4.26 -3.21 -0.39
O2A FDA F . 4.53 -1.44 -2.18
O5B FDA F . 6.29 -3.12 -1.90
C5B FDA F . 7.11 -4.13 -1.26
C4B FDA F . 7.59 -5.04 -2.35
O4B FDA F . 8.65 -5.85 -1.78
C3B FDA F . 6.58 -6.01 -2.95
O3B FDA F . 6.57 -5.99 -4.38
C2B FDA F . 6.95 -7.33 -2.35
O2B FDA F . 6.55 -8.48 -3.10
C1B FDA F . 8.43 -7.25 -2.19
N9A FDA F . 9.03 -8.08 -1.18
C8A FDA F . 8.61 -8.21 0.11
N7A FDA F . 9.44 -8.99 0.84
C5A FDA F . 10.45 -9.35 -0.06
C6A FDA F . 11.58 -10.14 0.08
N6A FDA F . 11.92 -10.71 1.27
N1A FDA F . 12.36 -10.35 -1.00
C2A FDA F . 12.00 -9.78 -2.15
N3A FDA F . 10.95 -8.99 -2.40
C4A FDA F . 10.18 -8.77 -1.33
N1 FDA F . -2.03 3.78 -0.75
C2 FDA F . -2.32 4.99 -1.25
O2 FDA F . -1.61 6.02 -0.96
N3 FDA F . -3.38 5.19 -2.11
C4 FDA F . -4.30 4.21 -2.37
O4 FDA F . -5.32 4.48 -3.13
C4X FDA F . -4.10 2.96 -1.71
N5 FDA F . -5.05 1.93 -1.93
C5X FDA F . -4.60 0.65 -1.50
C6 FDA F . -5.47 -0.46 -1.75
C7 FDA F . -5.08 -1.77 -1.48
C7M FDA F . -6.03 -2.90 -1.73
C8 FDA F . -3.77 -1.98 -1.02
C8M FDA F . -3.25 -3.37 -0.76
C9 FDA F . -2.92 -0.91 -0.76
C9A FDA F . -3.38 0.44 -0.97
N10 FDA F . -2.52 1.52 -0.64
C10 FDA F . -2.92 2.77 -1.05
C1' FDA F . -1.30 1.36 0.15
C2' FDA F . -0.02 1.39 -0.71
O2' FDA F . -0.18 0.54 -1.84
C3' FDA F . 1.17 1.02 0.17
O3' FDA F . 1.20 1.93 1.24
C4' FDA F . 2.51 1.06 -0.58
O4' FDA F . 2.45 0.20 -1.70
C5' FDA F . 3.65 0.70 0.35
O5' FDA F . 4.89 0.87 -0.37
P FDA F . 6.21 0.17 0.15
O1P FDA F . 7.30 0.64 -0.69
O2P FDA F . 6.33 0.31 1.62
O3P FDA F . 5.95 -1.39 -0.07
H51A FDA F . 6.57 -4.63 -0.62
H52A FDA F . 7.88 -3.70 -0.81
H4B FDA F . 7.96 -4.50 -3.06
H3B FDA F . 5.69 -5.76 -2.63
HO3A FDA F . 5.79 -6.32 -4.68
H2B FDA F . 6.54 -7.38 -1.46
HO2A FDA F . 5.66 -8.44 -3.27
H1B FDA F . 8.87 -7.40 -3.06
H8A FDA F . 7.82 -7.76 0.46
H61A FDA F . 12.70 -11.19 1.35
H62A FDA F . 11.37 -10.63 1.99
H2A FDA F . 12.62 -9.93 -2.90
HN3 FDA F . -3.47 6.00 -2.52
HN5 FDA F . -5.92 2.14 -1.43
H6 FDA F . -6.36 -0.30 -2.13
HM71 FDA F . -5.60 -3.74 -1.48
HM72 FDA F . -6.25 -2.93 -2.67
HM73 FDA F . -6.84 -2.78 -1.19
HM81 FDA F . -3.20 -3.53 0.21
HM82 FDA F . -2.36 -3.48 -1.16
HM83 FDA F . -3.87 -4.03 -1.16
H9 FDA F . -2.02 -1.07 -0.45
H1'1 FDA F . -1.25 2.08 0.80
H1'2 FDA F . -1.34 0.51 0.62
H2' FDA F . 0.12 2.30 -1.03
HO2' FDA F . -0.51 -0.25 -1.57
H3' FDA F . 1.02 0.13 0.52
HO3' FDA F . 1.51 2.71 0.96
H4' FDA F . 2.66 1.97 -0.90
HO4' FDA F . 2.45 0.68 -2.44
H5'1 FDA F . 3.64 1.27 1.14
H5'2 FDA F . 3.57 -0.23 0.62
#